data_4RA3
#
_entry.id   4RA3
#
_cell.length_a   80.038
_cell.length_b   80.038
_cell.length_c   177.700
_cell.angle_alpha   90.00
_cell.angle_beta   90.00
_cell.angle_gamma   120.00
#
_symmetry.space_group_name_H-M   'P 32 2 1'
#
loop_
_entity.id
_entity.type
_entity.pdbx_description
1 polymer Beta-2-microglobulin
2 non-polymer 2-[4-(dimethylamino)phenyl]-3,6-dimethyl-1,3-benzothiazol-3-ium
#
_entity_poly.entity_id   1
_entity_poly.type   'polypeptide(L)'
_entity_poly.pdbx_seq_one_letter_code
;MIQRTPKIQVYSRHPAENGKSNFLNCYVSGFHPCDIEVDLLKNGERIEKVEHSDLSFSKDWSFYLLYYTEFTPTEKDEYA
CRVNHVTLSQPKIVKWDRDM
;
_entity_poly.pdbx_strand_id   A,B,C,D
#
loop_
_chem_comp.id
_chem_comp.type
_chem_comp.name
_chem_comp.formula
TFX non-polymer 2-[4-(dimethylamino)phenyl]-3,6-dimethyl-1,3-benzothiazol-3-ium 'C17 H19 N2 S 1'
#
# COMPACT_ATOMS: atom_id res chain seq x y z
N MET A 1 -8.89 15.03 18.16
CA MET A 1 -8.03 14.10 18.97
C MET A 1 -6.57 14.56 19.04
N ILE A 2 -5.77 13.85 19.82
CA ILE A 2 -4.38 14.23 20.04
C ILE A 2 -3.53 14.11 18.77
N GLN A 3 -2.57 15.01 18.67
CA GLN A 3 -1.59 15.04 17.59
C GLN A 3 -0.76 13.78 17.44
N ARG A 4 -0.35 13.51 16.21
CA ARG A 4 0.60 12.43 15.96
C ARG A 4 1.38 12.59 14.70
N THR A 5 2.55 11.99 14.76
CA THR A 5 3.62 12.36 13.88
C THR A 5 3.73 11.29 12.80
N PRO A 6 3.93 11.73 11.53
CA PRO A 6 3.95 10.84 10.37
C PRO A 6 5.09 9.82 10.36
N LYS A 7 4.78 8.60 9.94
CA LYS A 7 5.75 7.62 9.49
C LYS A 7 6.10 7.85 8.02
N ILE A 8 7.39 7.89 7.72
CA ILE A 8 7.87 8.31 6.42
C ILE A 8 8.70 7.22 5.79
N GLN A 9 8.28 6.70 4.64
CA GLN A 9 9.03 5.65 3.99
C GLN A 9 9.28 5.98 2.53
N VAL A 10 10.51 5.72 2.10
CA VAL A 10 10.95 6.05 0.76
C VAL A 10 11.48 4.79 0.10
N TYR A 11 10.95 4.50 -1.07
CA TYR A 11 11.22 3.27 -1.74
C TYR A 11 10.94 3.42 -3.21
N SER A 12 11.66 2.63 -4.00
CA SER A 12 11.41 2.55 -5.43
C SER A 12 10.38 1.48 -5.70
N ARG A 13 9.68 1.60 -6.82
CA ARG A 13 8.54 0.74 -7.07
C ARG A 13 9.03 -0.65 -7.42
N HIS A 14 9.92 -0.72 -8.39
CA HIS A 14 10.63 -1.94 -8.73
C HIS A 14 12.01 -1.80 -8.10
N PRO A 15 12.75 -2.90 -7.96
CA PRO A 15 14.11 -2.74 -7.41
C PRO A 15 15.05 -1.98 -8.37
N ALA A 16 16.06 -1.34 -7.81
CA ALA A 16 16.85 -0.37 -8.55
C ALA A 16 17.61 -1.09 -9.66
N GLU A 17 17.81 -0.40 -10.78
CA GLU A 17 18.75 -0.86 -11.79
C GLU A 17 19.27 0.35 -12.55
N ASN A 18 20.55 0.69 -12.37
CA ASN A 18 21.03 1.99 -12.83
C ASN A 18 20.73 2.21 -14.31
N GLY A 19 20.21 3.38 -14.65
CA GLY A 19 19.85 3.67 -16.01
C GLY A 19 18.57 2.99 -16.47
N LYS A 20 17.78 2.42 -15.56
CA LYS A 20 16.45 1.93 -15.93
C LYS A 20 15.36 2.73 -15.24
N SER A 21 14.39 3.21 -16.03
CA SER A 21 13.26 3.96 -15.51
C SER A 21 12.48 3.19 -14.43
N ASN A 22 12.15 3.90 -13.37
CA ASN A 22 11.50 3.34 -12.20
C ASN A 22 10.55 4.42 -11.71
N PHE A 23 9.96 4.18 -10.56
CA PHE A 23 9.30 5.25 -9.80
C PHE A 23 9.86 5.32 -8.38
N LEU A 24 9.95 6.54 -7.87
CA LEU A 24 10.34 6.81 -6.50
C LEU A 24 9.12 7.25 -5.73
N ASN A 25 8.89 6.62 -4.58
CA ASN A 25 7.75 6.95 -3.75
C ASN A 25 8.20 7.47 -2.41
N CYS A 26 7.45 8.46 -1.90
CA CYS A 26 7.51 8.82 -0.49
C CYS A 26 6.16 8.61 0.14
N TYR A 27 6.05 7.64 1.05
CA TYR A 27 4.80 7.30 1.69
C TYR A 27 4.79 7.80 3.12
N VAL A 28 3.80 8.66 3.38
CA VAL A 28 3.67 9.35 4.63
C VAL A 28 2.35 8.87 5.27
N SER A 29 2.44 8.26 6.45
CA SER A 29 1.35 7.46 7.02
C SER A 29 1.13 7.77 8.51
N GLY A 30 -0.12 7.65 8.95
CA GLY A 30 -0.45 7.55 10.36
C GLY A 30 -0.63 8.86 11.10
N PHE A 31 -0.78 9.95 10.36
CA PHE A 31 -0.48 11.27 10.93
C PHE A 31 -1.70 12.12 11.14
N HIS A 32 -1.52 13.12 11.99
CA HIS A 32 -2.61 14.00 12.39
C HIS A 32 -1.99 15.22 13.08
N PRO A 33 -2.44 16.43 12.74
CA PRO A 33 -3.56 16.76 11.87
C PRO A 33 -3.12 16.65 10.44
N CYS A 34 -3.99 17.03 9.54
CA CYS A 34 -3.87 16.62 8.17
C CYS A 34 -2.81 17.44 7.40
N ASP A 35 -2.61 18.71 7.75
CA ASP A 35 -1.83 19.60 6.89
C ASP A 35 -0.38 19.24 6.95
N ILE A 36 0.25 19.22 5.78
CA ILE A 36 1.58 18.66 5.61
C ILE A 36 2.17 19.06 4.25
N GLU A 37 3.49 19.24 4.21
CA GLU A 37 4.22 19.53 2.95
C GLU A 37 5.17 18.38 2.69
N VAL A 38 5.25 17.93 1.43
CA VAL A 38 6.13 16.84 1.04
C VAL A 38 6.83 17.12 -0.29
N ASP A 39 8.12 16.85 -0.33
CA ASP A 39 8.91 17.14 -1.52
C ASP A 39 9.99 16.11 -1.66
N LEU A 40 10.31 15.79 -2.91
CA LEU A 40 11.30 14.80 -3.22
C LEU A 40 12.51 15.52 -3.74
N LEU A 41 13.68 14.96 -3.45
CA LEU A 41 14.94 15.63 -3.66
C LEU A 41 15.96 14.81 -4.45
N LYS A 42 16.35 15.33 -5.61
CA LYS A 42 17.52 14.84 -6.34
C LYS A 42 18.72 15.64 -5.87
N ASN A 43 19.61 14.99 -5.12
CA ASN A 43 20.82 15.63 -4.60
C ASN A 43 20.45 16.95 -3.94
N GLY A 44 19.61 16.84 -2.91
CA GLY A 44 19.21 18.01 -2.14
C GLY A 44 18.33 19.04 -2.84
N GLU A 45 17.83 18.75 -4.03
CA GLU A 45 17.08 19.76 -4.79
C GLU A 45 15.70 19.30 -5.22
N ARG A 46 14.75 20.22 -5.13
CA ARG A 46 13.34 19.89 -5.09
C ARG A 46 12.80 19.58 -6.48
N ILE A 47 12.35 18.34 -6.69
CA ILE A 47 11.93 17.90 -8.02
C ILE A 47 10.68 18.63 -8.43
N GLU A 48 10.65 19.12 -9.66
CA GLU A 48 9.52 19.93 -10.09
C GLU A 48 8.32 19.04 -10.24
N LYS A 49 8.41 18.09 -11.16
CA LYS A 49 7.23 17.46 -11.71
C LYS A 49 6.97 16.15 -10.95
N VAL A 50 6.31 16.29 -9.80
CA VAL A 50 5.91 15.16 -9.02
C VAL A 50 4.40 15.01 -9.10
N GLU A 51 3.93 13.79 -8.87
CA GLU A 51 2.51 13.50 -8.79
C GLU A 51 2.20 12.99 -7.37
N HIS A 52 0.91 12.90 -7.02
CA HIS A 52 0.52 12.44 -5.67
C HIS A 52 -0.84 11.77 -5.66
N SER A 53 -0.99 10.79 -4.79
CA SER A 53 -2.29 10.26 -4.46
C SER A 53 -3.18 11.33 -3.82
N ASP A 54 -4.42 10.97 -3.61
CA ASP A 54 -5.26 11.76 -2.78
C ASP A 54 -4.88 11.47 -1.36
N LEU A 55 -5.51 12.18 -0.44
CA LEU A 55 -5.22 12.11 0.98
C LEU A 55 -6.38 11.37 1.61
N SER A 56 -6.11 10.21 2.17
CA SER A 56 -7.19 9.34 2.68
C SER A 56 -7.07 9.25 4.19
N PHE A 57 -8.13 8.80 4.85
CA PHE A 57 -8.17 8.77 6.31
C PHE A 57 -9.01 7.68 6.92
N SER A 58 -8.67 7.33 8.18
CA SER A 58 -9.42 6.36 8.97
C SER A 58 -10.58 7.01 9.70
N LYS A 59 -11.47 6.19 10.26
CA LYS A 59 -12.47 6.63 11.24
C LYS A 59 -11.82 7.47 12.33
N ASP A 60 -10.67 7.03 12.82
CA ASP A 60 -9.97 7.75 13.90
C ASP A 60 -9.17 8.96 13.42
N TRP A 61 -9.34 9.37 12.16
CA TRP A 61 -8.71 10.57 11.62
C TRP A 61 -7.16 10.51 11.61
N SER A 62 -6.59 9.33 11.41
CA SER A 62 -5.22 9.24 10.91
C SER A 62 -5.26 9.41 9.40
N PHE A 63 -4.33 10.22 8.87
CA PHE A 63 -4.26 10.47 7.44
C PHE A 63 -3.11 9.75 6.74
N TYR A 64 -3.33 9.40 5.47
CA TYR A 64 -2.35 8.68 4.65
C TYR A 64 -2.20 9.37 3.29
N LEU A 65 -0.98 9.41 2.76
CA LEU A 65 -0.68 10.18 1.52
C LEU A 65 0.60 9.73 0.83
N LEU A 66 0.58 9.69 -0.50
CA LEU A 66 1.72 9.21 -1.33
C LEU A 66 2.17 10.17 -2.40
N TYR A 67 3.46 10.47 -2.41
CA TYR A 67 4.07 11.25 -3.46
C TYR A 67 4.98 10.35 -4.28
N TYR A 68 4.98 10.52 -5.60
CA TYR A 68 5.90 9.80 -6.48
C TYR A 68 6.29 10.51 -7.80
N THR A 69 7.40 10.05 -8.37
CA THR A 69 7.85 10.58 -9.66
C THR A 69 8.59 9.49 -10.43
N GLU A 70 8.43 9.49 -11.76
CA GLU A 70 9.24 8.65 -12.62
C GLU A 70 10.66 9.12 -12.47
N PHE A 71 11.60 8.18 -12.45
CA PHE A 71 13.00 8.57 -12.41
C PHE A 71 13.90 7.44 -12.86
N THR A 72 15.12 7.81 -13.24
CA THR A 72 16.12 6.85 -13.66
C THR A 72 17.31 6.96 -12.70
N PRO A 73 17.53 5.93 -11.89
CA PRO A 73 18.61 5.91 -10.93
C PRO A 73 19.98 5.73 -11.59
N THR A 74 21.00 6.36 -11.01
CA THR A 74 22.38 6.16 -11.41
C THR A 74 23.28 6.06 -10.18
N GLU A 75 24.47 5.50 -10.40
CA GLU A 75 25.45 5.29 -9.32
C GLU A 75 25.76 6.54 -8.51
N LYS A 76 25.85 7.68 -9.20
CA LYS A 76 26.23 8.95 -8.56
C LYS A 76 25.08 9.67 -7.86
N ASP A 77 23.88 9.52 -8.39
CA ASP A 77 22.73 10.29 -7.93
C ASP A 77 22.20 9.82 -6.58
N GLU A 78 21.75 10.77 -5.76
CA GLU A 78 21.27 10.51 -4.41
C GLU A 78 19.91 11.17 -4.19
N TYR A 79 18.93 10.40 -3.70
CA TYR A 79 17.52 10.83 -3.66
C TYR A 79 16.96 10.75 -2.26
N ALA A 80 16.05 11.66 -1.94
CA ALA A 80 15.51 11.76 -0.59
C ALA A 80 14.14 12.45 -0.56
N CYS A 81 13.51 12.41 0.60
CA CYS A 81 12.18 12.95 0.81
C CYS A 81 12.22 13.95 1.95
N ARG A 82 11.67 15.14 1.72
CA ARG A 82 11.57 16.16 2.75
C ARG A 82 10.12 16.38 3.13
N VAL A 83 9.83 16.11 4.38
CA VAL A 83 8.53 16.32 4.96
C VAL A 83 8.58 17.45 5.99
N ASN A 84 7.65 18.39 5.90
CA ASN A 84 7.40 19.25 7.04
C ASN A 84 5.97 19.11 7.57
N HIS A 85 5.88 19.03 8.91
CA HIS A 85 4.61 18.87 9.64
C HIS A 85 4.74 19.64 10.93
N VAL A 86 3.60 20.02 11.48
CA VAL A 86 3.56 20.62 12.81
C VAL A 86 4.43 19.80 13.82
N THR A 87 4.21 18.48 13.93
CA THR A 87 4.89 17.66 14.97
C THR A 87 6.40 17.60 14.77
N LEU A 88 6.88 18.11 13.65
CA LEU A 88 8.31 18.28 13.42
C LEU A 88 8.74 19.74 13.60
N SER A 89 9.61 19.94 14.58
CA SER A 89 10.44 21.12 14.67
C SER A 89 10.98 21.49 13.31
N GLN A 90 11.85 20.63 12.79
CA GLN A 90 12.65 20.93 11.62
C GLN A 90 12.23 19.98 10.51
N PRO A 91 11.92 20.50 9.31
CA PRO A 91 11.60 19.61 8.20
C PRO A 91 12.50 18.38 8.22
N LYS A 92 11.91 17.19 8.27
CA LYS A 92 12.66 15.93 8.34
C LYS A 92 13.00 15.45 6.94
N ILE A 93 14.25 15.06 6.74
CA ILE A 93 14.69 14.43 5.49
C ILE A 93 14.93 12.95 5.73
N VAL A 94 14.56 12.12 4.76
CA VAL A 94 14.87 10.71 4.80
C VAL A 94 15.41 10.28 3.45
N LYS A 95 16.54 9.58 3.47
CA LYS A 95 17.25 9.21 2.26
C LYS A 95 16.56 7.98 1.67
N TRP A 96 16.78 7.78 0.37
CA TRP A 96 16.48 6.49 -0.25
C TRP A 96 17.63 5.55 -0.03
N ASP A 97 17.45 4.55 0.83
CA ASP A 97 18.48 3.56 1.09
C ASP A 97 18.37 2.49 0.02
N ARG A 98 19.27 2.58 -0.95
CA ARG A 98 19.39 1.58 -2.02
C ARG A 98 19.46 0.15 -1.50
N ASP A 99 20.46 -0.12 -0.65
CA ASP A 99 20.88 -1.50 -0.39
C ASP A 99 19.95 -2.19 0.62
N MET A 100 19.08 -3.04 0.09
CA MET A 100 17.96 -3.59 0.85
C MET A 100 17.73 -5.04 0.46
N ILE B 2 13.46 -13.40 14.98
CA ILE B 2 12.64 -13.22 16.19
C ILE B 2 11.31 -13.90 15.93
N GLN B 3 10.18 -13.27 16.25
CA GLN B 3 8.90 -13.78 15.83
C GLN B 3 7.86 -12.71 15.93
N ARG B 4 6.85 -12.73 15.07
CA ARG B 4 5.96 -11.58 14.96
C ARG B 4 4.60 -11.91 14.41
N THR B 5 3.58 -11.30 14.96
CA THR B 5 2.23 -11.69 14.61
C THR B 5 1.68 -10.69 13.60
N PRO B 6 0.93 -11.19 12.59
CA PRO B 6 0.43 -10.35 11.47
C PRO B 6 -0.61 -9.32 11.85
N LYS B 7 -0.50 -8.14 11.25
CA LYS B 7 -1.57 -7.14 11.23
C LYS B 7 -2.48 -7.45 10.03
N ILE B 8 -3.77 -7.48 10.27
CA ILE B 8 -4.73 -7.92 9.26
C ILE B 8 -5.74 -6.84 8.99
N GLN B 9 -5.81 -6.38 7.75
CA GLN B 9 -6.75 -5.34 7.40
C GLN B 9 -7.59 -5.78 6.21
N VAL B 10 -8.89 -5.53 6.31
CA VAL B 10 -9.82 -5.86 5.25
C VAL B 10 -10.55 -4.62 4.75
N TYR B 11 -10.51 -4.40 3.46
CA TYR B 11 -11.04 -3.17 2.90
C TYR B 11 -11.36 -3.38 1.45
N SER B 12 -12.33 -2.61 0.98
CA SER B 12 -12.68 -2.61 -0.42
C SER B 12 -11.83 -1.58 -1.14
N ARG B 13 -11.61 -1.77 -2.44
CA ARG B 13 -10.69 -0.93 -3.21
C ARG B 13 -11.27 0.46 -3.41
N HIS B 14 -12.52 0.51 -3.86
CA HIS B 14 -13.29 1.73 -3.88
C HIS B 14 -14.41 1.52 -2.90
N PRO B 15 -14.97 2.58 -2.35
CA PRO B 15 -16.00 2.44 -1.32
C PRO B 15 -17.27 1.86 -1.90
N ALA B 16 -18.04 1.21 -1.04
CA ALA B 16 -19.13 0.36 -1.47
C ALA B 16 -20.25 1.09 -2.16
N GLU B 17 -20.75 0.48 -3.22
CA GLU B 17 -22.08 0.74 -3.72
C GLU B 17 -22.65 -0.64 -3.86
N ASN B 18 -23.72 -0.94 -3.14
CA ASN B 18 -24.30 -2.26 -3.27
C ASN B 18 -24.62 -2.49 -4.74
N GLY B 19 -24.30 -3.67 -5.23
CA GLY B 19 -24.60 -4.02 -6.61
C GLY B 19 -23.60 -3.48 -7.61
N LYS B 20 -22.50 -2.90 -7.14
CA LYS B 20 -21.50 -2.40 -8.05
C LYS B 20 -20.21 -3.12 -7.86
N SER B 21 -19.64 -3.60 -8.95
CA SER B 21 -18.45 -4.39 -8.90
C SER B 21 -17.28 -3.60 -8.29
N ASN B 22 -16.54 -4.27 -7.41
CA ASN B 22 -15.47 -3.67 -6.63
C ASN B 22 -14.42 -4.75 -6.50
N PHE B 23 -13.41 -4.48 -5.68
CA PHE B 23 -12.51 -5.52 -5.19
C PHE B 23 -12.43 -5.54 -3.67
N LEU B 24 -12.29 -6.73 -3.11
CA LEU B 24 -12.12 -6.90 -1.68
C LEU B 24 -10.70 -7.35 -1.42
N ASN B 25 -10.03 -6.66 -0.51
CA ASN B 25 -8.65 -6.99 -0.14
C ASN B 25 -8.54 -7.44 1.30
N CYS B 26 -7.68 -8.44 1.53
CA CYS B 26 -7.19 -8.75 2.86
C CYS B 26 -5.70 -8.54 2.89
N TYR B 27 -5.25 -7.53 3.63
CA TYR B 27 -3.81 -7.19 3.71
C TYR B 27 -3.25 -7.65 5.01
N VAL B 28 -2.25 -8.51 4.90
CA VAL B 28 -1.62 -9.15 6.03
C VAL B 28 -0.17 -8.66 6.06
N SER B 29 0.21 -7.98 7.15
CA SER B 29 1.46 -7.19 7.20
C SER B 29 2.26 -7.48 8.47
N GLY B 30 3.58 -7.37 8.36
CA GLY B 30 4.45 -7.15 9.51
C GLY B 30 4.89 -8.42 10.18
N PHE B 31 4.72 -9.54 9.50
CA PHE B 31 4.69 -10.83 10.18
C PHE B 31 5.90 -11.70 9.89
N HIS B 32 6.15 -12.63 10.79
CA HIS B 32 7.24 -13.54 10.62
C HIS B 32 6.91 -14.65 11.57
N PRO B 33 7.23 -15.95 11.27
CA PRO B 33 7.93 -16.23 10.05
C PRO B 33 7.03 -16.26 8.86
N CYS B 34 7.55 -16.65 7.73
CA CYS B 34 6.89 -16.48 6.48
C CYS B 34 5.61 -17.26 6.27
N ASP B 35 5.52 -18.48 6.76
CA ASP B 35 4.39 -19.34 6.41
C ASP B 35 3.06 -18.89 6.93
N ILE B 36 2.01 -19.03 6.13
CA ILE B 36 0.70 -18.52 6.52
C ILE B 36 -0.42 -18.92 5.56
N GLU B 37 -1.63 -19.07 6.08
CA GLU B 37 -2.79 -19.36 5.23
C GLU B 37 -3.72 -18.19 5.29
N VAL B 38 -4.28 -17.81 4.13
CA VAL B 38 -5.26 -16.73 4.06
C VAL B 38 -6.43 -17.13 3.17
N ASP B 39 -7.64 -16.85 3.66
CA ASP B 39 -8.85 -17.12 2.90
C ASP B 39 -9.89 -16.04 3.13
N LEU B 40 -10.65 -15.75 2.09
CA LEU B 40 -11.71 -14.75 2.17
C LEU B 40 -13.05 -15.46 2.18
N LEU B 41 -14.02 -14.85 2.86
CA LEU B 41 -15.25 -15.52 3.25
C LEU B 41 -16.47 -14.72 2.87
N LYS B 42 -17.27 -15.28 1.97
CA LYS B 42 -18.64 -14.83 1.72
C LYS B 42 -19.58 -15.58 2.67
N ASN B 43 -20.07 -14.87 3.69
CA ASN B 43 -20.97 -15.45 4.69
C ASN B 43 -20.41 -16.75 5.25
N GLY B 44 -19.23 -16.61 5.86
CA GLY B 44 -18.56 -17.72 6.49
C GLY B 44 -18.03 -18.81 5.57
N GLU B 45 -18.02 -18.59 4.26
CA GLU B 45 -17.67 -19.67 3.34
C GLU B 45 -16.61 -19.28 2.31
N ARG B 46 -15.70 -20.21 2.07
CA ARG B 46 -14.36 -19.90 1.56
C ARG B 46 -14.39 -19.67 0.06
N ILE B 47 -14.13 -18.42 -0.35
CA ILE B 47 -14.21 -18.06 -1.77
C ILE B 47 -13.14 -18.82 -2.58
N GLU B 48 -13.55 -19.39 -3.72
CA GLU B 48 -12.63 -20.25 -4.45
C GLU B 48 -11.66 -19.43 -5.29
N LYS B 49 -12.17 -18.53 -6.12
CA LYS B 49 -11.37 -17.86 -7.16
C LYS B 49 -10.84 -16.54 -6.62
N VAL B 50 -9.77 -16.62 -5.83
CA VAL B 50 -9.08 -15.44 -5.32
C VAL B 50 -7.75 -15.29 -6.03
N GLU B 51 -7.23 -14.07 -6.04
CA GLU B 51 -5.85 -13.81 -6.48
C GLU B 51 -5.00 -13.25 -5.34
N HIS B 52 -3.69 -13.20 -5.56
CA HIS B 52 -2.80 -12.71 -4.51
C HIS B 52 -1.55 -12.07 -5.07
N SER B 53 -1.04 -11.08 -4.35
CA SER B 53 0.28 -10.55 -4.64
C SER B 53 1.30 -11.61 -4.38
N ASP B 54 2.55 -11.28 -4.66
CA ASP B 54 3.64 -12.06 -4.20
C ASP B 54 3.88 -11.69 -2.75
N LEU B 55 4.87 -12.32 -2.13
CA LEU B 55 5.17 -12.16 -0.72
C LEU B 55 6.48 -11.38 -0.67
N SER B 56 6.41 -10.18 -0.12
CA SER B 56 7.57 -9.31 -0.11
C SER B 56 8.05 -9.20 1.32
N PHE B 57 9.29 -8.74 1.50
CA PHE B 57 9.90 -8.67 2.81
C PHE B 57 10.95 -7.56 3.00
N SER B 58 11.13 -7.16 4.26
CA SER B 58 12.09 -6.13 4.66
C SER B 58 13.45 -6.74 4.80
N LYS B 59 14.46 -5.88 4.96
CA LYS B 59 15.76 -6.29 5.51
C LYS B 59 15.65 -7.14 6.77
N ASP B 60 14.84 -6.66 7.70
CA ASP B 60 14.68 -7.32 8.99
C ASP B 60 13.74 -8.53 8.90
N TRP B 61 13.34 -8.94 7.68
CA TRP B 61 12.56 -10.16 7.49
C TRP B 61 11.13 -10.12 8.08
N SER B 62 10.50 -8.96 8.02
CA SER B 62 9.06 -8.88 8.16
C SER B 62 8.45 -9.10 6.78
N PHE B 63 7.42 -9.93 6.71
CA PHE B 63 6.76 -10.26 5.46
C PHE B 63 5.43 -9.56 5.26
N TYR B 64 5.11 -9.31 3.98
CA TYR B 64 3.89 -8.57 3.59
C TYR B 64 3.23 -9.29 2.43
N LEU B 65 1.89 -9.36 2.43
CA LEU B 65 1.14 -10.19 1.48
C LEU B 65 -0.34 -9.75 1.34
N LEU B 66 -0.84 -9.70 0.10
CA LEU B 66 -2.22 -9.21 -0.19
C LEU B 66 -3.06 -10.22 -0.97
N TYR B 67 -4.24 -10.53 -0.45
CA TYR B 67 -5.21 -11.38 -1.12
C TYR B 67 -6.37 -10.53 -1.54
N TYR B 68 -6.90 -10.76 -2.74
CA TYR B 68 -8.07 -10.01 -3.24
C TYR B 68 -8.95 -10.76 -4.26
N THR B 69 -10.18 -10.30 -4.39
CA THR B 69 -11.11 -10.86 -5.36
C THR B 69 -12.06 -9.80 -5.84
N GLU B 70 -12.44 -9.87 -7.12
CA GLU B 70 -13.54 -9.07 -7.62
C GLU B 70 -14.80 -9.50 -6.90
N PHE B 71 -15.67 -8.56 -6.56
CA PHE B 71 -16.94 -8.91 -5.96
C PHE B 71 -17.97 -7.80 -6.06
N THR B 72 -19.24 -8.18 -5.89
CA THR B 72 -20.33 -7.24 -5.89
C THR B 72 -21.04 -7.26 -4.55
N PRO B 73 -20.91 -6.17 -3.79
CA PRO B 73 -21.49 -6.11 -2.44
C PRO B 73 -23.00 -5.95 -2.49
N THR B 74 -23.69 -6.57 -1.54
CA THR B 74 -25.13 -6.36 -1.34
C THR B 74 -25.39 -6.26 0.16
N GLU B 75 -26.36 -5.45 0.57
CA GLU B 75 -26.68 -5.29 2.02
C GLU B 75 -26.75 -6.66 2.71
N LYS B 76 -27.52 -7.55 2.10
CA LYS B 76 -27.62 -8.98 2.47
C LYS B 76 -26.26 -9.59 2.89
N ASP B 77 -25.28 -9.47 1.99
CA ASP B 77 -24.05 -10.25 2.05
C ASP B 77 -23.05 -9.73 3.07
N GLU B 78 -22.31 -10.65 3.68
CA GLU B 78 -21.36 -10.31 4.73
C GLU B 78 -20.01 -10.99 4.45
N TYR B 79 -18.94 -10.21 4.49
CA TYR B 79 -17.61 -10.67 4.00
C TYR B 79 -16.55 -10.55 5.09
N ALA B 80 -15.59 -11.47 5.07
CA ALA B 80 -14.53 -11.49 6.09
C ALA B 80 -13.29 -12.22 5.59
N CYS B 81 -12.22 -12.14 6.39
CA CYS B 81 -10.90 -12.70 6.08
C CYS B 81 -10.45 -13.64 7.21
N ARG B 82 -10.04 -14.86 6.86
CA ARG B 82 -9.57 -15.83 7.86
C ARG B 82 -8.11 -16.09 7.64
N VAL B 83 -7.32 -15.75 8.63
CA VAL B 83 -5.87 -15.96 8.56
C VAL B 83 -5.51 -16.93 9.64
N ASN B 84 -4.70 -17.91 9.27
CA ASN B 84 -4.03 -18.71 10.26
C ASN B 84 -2.53 -18.58 10.14
N HIS B 85 -1.89 -18.44 11.31
CA HIS B 85 -0.45 -18.32 11.45
C HIS B 85 -0.06 -19.05 12.71
N VAL B 86 1.19 -19.43 12.79
CA VAL B 86 1.76 -19.98 14.02
C VAL B 86 1.47 -19.09 15.28
N THR B 87 1.75 -17.79 15.24
CA THR B 87 1.50 -16.91 16.40
C THR B 87 0.03 -16.81 16.83
N LEU B 88 -0.88 -17.32 16.03
CA LEU B 88 -2.27 -17.42 16.41
C LEU B 88 -2.59 -18.83 16.86
N SER B 89 -3.01 -18.94 18.12
CA SER B 89 -3.76 -20.08 18.60
C SER B 89 -4.82 -20.53 17.58
N GLN B 90 -5.82 -19.68 17.39
CA GLN B 90 -7.02 -20.04 16.64
C GLN B 90 -7.07 -19.17 15.39
N PRO B 91 -7.25 -19.78 14.20
CA PRO B 91 -7.44 -18.95 13.01
C PRO B 91 -8.26 -17.70 13.31
N LYS B 92 -7.68 -16.52 13.05
CA LYS B 92 -8.34 -15.26 13.34
C LYS B 92 -9.22 -14.86 12.17
N ILE B 93 -10.44 -14.45 12.47
CA ILE B 93 -11.33 -13.90 11.47
C ILE B 93 -11.46 -12.41 11.69
N VAL B 94 -11.57 -11.68 10.59
CA VAL B 94 -11.76 -10.24 10.63
C VAL B 94 -12.83 -9.86 9.64
N LYS B 95 -13.85 -9.13 10.10
CA LYS B 95 -14.96 -8.78 9.25
C LYS B 95 -14.54 -7.61 8.36
N TRP B 96 -15.23 -7.47 7.24
CA TRP B 96 -15.23 -6.21 6.51
C TRP B 96 -16.24 -5.30 7.17
N ASP B 97 -15.75 -4.37 7.98
CA ASP B 97 -16.53 -3.22 8.41
C ASP B 97 -16.28 -2.12 7.41
N ARG B 98 -17.20 -2.00 6.47
CA ARG B 98 -17.27 -0.87 5.57
C ARG B 98 -17.39 0.46 6.31
N ILE C 2 -3.42 30.49 3.77
CA ILE C 2 -4.37 31.57 3.35
C ILE C 2 -5.80 31.05 3.13
N GLN C 3 -6.65 31.36 4.09
CA GLN C 3 -7.91 30.64 4.28
C GLN C 3 -8.99 30.79 3.19
N ARG C 4 -9.75 29.72 3.00
CA ARG C 4 -10.87 29.68 2.06
C ARG C 4 -12.01 28.86 2.64
N THR C 5 -13.22 29.34 2.43
CA THR C 5 -14.36 28.71 3.06
C THR C 5 -15.00 27.78 2.02
N PRO C 6 -15.45 26.60 2.47
CA PRO C 6 -16.05 25.60 1.57
C PRO C 6 -17.34 26.00 0.89
N LYS C 7 -17.47 25.58 -0.37
CA LYS C 7 -18.75 25.50 -1.08
C LYS C 7 -19.44 24.15 -0.82
N ILE C 8 -20.73 24.17 -0.51
CA ILE C 8 -21.41 23.00 0.01
C ILE C 8 -22.63 22.75 -0.80
N GLN C 9 -22.70 21.59 -1.46
CA GLN C 9 -23.83 21.29 -2.32
C GLN C 9 -24.39 19.91 -1.98
N VAL C 10 -25.71 19.85 -1.90
CA VAL C 10 -26.40 18.64 -1.53
C VAL C 10 -27.37 18.25 -2.62
N TYR C 11 -27.30 17.01 -3.04
CA TYR C 11 -28.06 16.59 -4.21
C TYR C 11 -28.22 15.08 -4.21
N SER C 12 -29.34 14.62 -4.76
CA SER C 12 -29.58 13.19 -4.90
C SER C 12 -29.04 12.80 -6.24
N ARG C 13 -28.81 11.52 -6.44
CA ARG C 13 -28.18 11.10 -7.67
C ARG C 13 -29.17 11.02 -8.82
N HIS C 14 -30.28 10.34 -8.58
CA HIS C 14 -31.43 10.32 -9.49
C HIS C 14 -32.49 11.19 -8.87
N PRO C 15 -33.55 11.54 -9.63
CA PRO C 15 -34.60 12.39 -9.04
C PRO C 15 -35.41 11.66 -8.01
N ALA C 16 -35.99 12.40 -7.08
CA ALA C 16 -36.58 11.79 -5.90
C ALA C 16 -37.76 10.94 -6.34
N GLU C 17 -37.99 9.83 -5.68
CA GLU C 17 -39.17 9.02 -5.91
C GLU C 17 -39.53 8.33 -4.61
N ASN C 18 -40.52 8.84 -3.89
CA ASN C 18 -40.69 8.43 -2.51
C ASN C 18 -40.77 6.90 -2.43
N GLY C 19 -40.02 6.32 -1.51
CA GLY C 19 -39.94 4.87 -1.40
C GLY C 19 -39.17 4.15 -2.50
N LYS C 20 -38.35 4.86 -3.29
CA LYS C 20 -37.37 4.18 -4.15
C LYS C 20 -35.94 4.58 -3.82
N SER C 21 -35.07 3.59 -3.78
CA SER C 21 -33.70 3.77 -3.30
C SER C 21 -32.90 4.66 -4.24
N ASN C 22 -32.13 5.55 -3.64
CA ASN C 22 -31.39 6.60 -4.35
C ASN C 22 -30.05 6.74 -3.64
N PHE C 23 -29.25 7.71 -4.04
CA PHE C 23 -28.10 8.16 -3.24
C PHE C 23 -28.18 9.63 -2.92
N LEU C 24 -27.73 9.99 -1.72
CA LEU C 24 -27.65 11.38 -1.29
C LEU C 24 -26.19 11.75 -1.18
N ASN C 25 -25.82 12.87 -1.80
CA ASN C 25 -24.46 13.38 -1.77
C ASN C 25 -24.35 14.73 -1.09
N CYS C 26 -23.29 14.93 -0.30
CA CYS C 26 -22.85 16.26 0.13
C CYS C 26 -21.45 16.56 -0.38
N TYR C 27 -21.34 17.51 -1.31
CA TYR C 27 -20.07 17.83 -1.94
C TYR C 27 -19.56 19.14 -1.40
N VAL C 28 -18.36 19.05 -0.82
CA VAL C 28 -17.72 20.15 -0.16
C VAL C 28 -16.46 20.47 -0.92
N SER C 29 -16.35 21.70 -1.42
CA SER C 29 -15.38 22.04 -2.46
C SER C 29 -14.69 23.37 -2.17
N GLY C 30 -13.45 23.49 -2.62
CA GLY C 30 -12.78 24.77 -2.77
C GLY C 30 -12.15 25.32 -1.51
N PHE C 31 -11.93 24.46 -0.53
CA PHE C 31 -11.69 24.93 0.83
C PHE C 31 -10.27 24.74 1.34
N HIS C 32 -9.95 25.46 2.41
CA HIS C 32 -8.61 25.50 2.97
C HIS C 32 -8.66 26.23 4.30
N PRO C 33 -7.97 25.73 5.32
CA PRO C 33 -7.15 24.55 5.33
C PRO C 33 -8.01 23.29 5.30
N CYS C 34 -7.36 22.16 5.41
CA CYS C 34 -7.96 20.92 5.04
C CYS C 34 -8.96 20.36 6.07
N ASP C 35 -8.75 20.63 7.36
CA ASP C 35 -9.50 19.95 8.42
C ASP C 35 -10.93 20.33 8.38
N ILE C 36 -11.80 19.34 8.49
CA ILE C 36 -13.23 19.58 8.28
C ILE C 36 -14.03 18.37 8.76
N GLU C 37 -15.23 18.63 9.30
CA GLU C 37 -16.12 17.56 9.72
C GLU C 37 -17.35 17.68 8.84
N VAL C 38 -17.85 16.53 8.38
CA VAL C 38 -19.08 16.48 7.58
C VAL C 38 -20.02 15.35 8.02
N ASP C 39 -21.31 15.65 8.11
CA ASP C 39 -22.30 14.68 8.48
C ASP C 39 -23.59 14.93 7.73
N LEU C 40 -24.30 13.85 7.46
CA LEU C 40 -25.58 13.91 6.79
C LEU C 40 -26.68 13.59 7.78
N LEU C 41 -27.84 14.19 7.55
CA LEU C 41 -28.87 14.27 8.55
C LEU C 41 -30.21 13.84 7.99
N LYS C 42 -30.76 12.78 8.58
CA LYS C 42 -32.17 12.44 8.43
C LYS C 42 -32.95 13.10 9.56
N ASN C 43 -33.77 14.11 9.20
CA ASN C 43 -34.58 14.86 10.16
C ASN C 43 -33.73 15.31 11.34
N GLY C 44 -32.69 16.09 11.04
CA GLY C 44 -31.81 16.62 12.07
C GLY C 44 -30.92 15.63 12.81
N GLU C 45 -30.83 14.39 12.33
CA GLU C 45 -30.12 13.34 13.07
C GLU C 45 -29.09 12.58 12.25
N ARG C 46 -27.96 12.33 12.88
CA ARG C 46 -26.73 12.06 12.19
C ARG C 46 -26.72 10.64 11.68
N ILE C 47 -26.70 10.46 10.36
CA ILE C 47 -26.81 9.14 9.75
C ILE C 47 -25.58 8.29 10.06
N GLU C 48 -25.81 7.03 10.43
CA GLU C 48 -24.74 6.17 10.91
C GLU C 48 -23.81 5.88 9.77
N LYS C 49 -24.33 5.14 8.80
CA LYS C 49 -23.51 4.39 7.86
C LYS C 49 -23.37 5.21 6.59
N VAL C 50 -22.42 6.14 6.61
CA VAL C 50 -22.11 6.95 5.44
C VAL C 50 -20.76 6.52 4.88
N GLU C 51 -20.56 6.80 3.59
CA GLU C 51 -19.30 6.58 2.94
C GLU C 51 -18.72 7.90 2.52
N HIS C 52 -17.44 7.90 2.16
CA HIS C 52 -16.83 9.11 1.65
C HIS C 52 -15.72 8.83 0.65
N SER C 53 -15.58 9.75 -0.29
CA SER C 53 -14.39 9.79 -1.11
C SER C 53 -13.17 10.09 -0.26
N ASP C 54 -12.02 10.06 -0.90
CA ASP C 54 -10.82 10.57 -0.28
C ASP C 54 -10.84 12.06 -0.47
N LEU C 55 -9.83 12.71 0.07
CA LEU C 55 -9.73 14.13 0.09
C LEU C 55 -8.67 14.50 -0.90
N SER C 56 -9.07 15.18 -1.97
CA SER C 56 -8.12 15.52 -3.04
C SER C 56 -7.85 17.01 -3.01
N PHE C 57 -6.76 17.44 -3.65
CA PHE C 57 -6.39 18.84 -3.66
C PHE C 57 -5.67 19.33 -4.92
N SER C 58 -5.78 20.63 -5.20
CA SER C 58 -5.13 21.27 -6.33
C SER C 58 -3.70 21.64 -5.98
N LYS C 59 -2.91 22.00 -7.00
CA LYS C 59 -1.65 22.75 -6.83
C LYS C 59 -1.81 23.95 -5.86
N ASP C 60 -2.95 24.61 -5.97
CA ASP C 60 -3.39 25.70 -5.10
C ASP C 60 -3.60 25.37 -3.60
N TRP C 61 -3.59 24.08 -3.26
CA TRP C 61 -4.02 23.61 -1.96
C TRP C 61 -5.45 24.01 -1.62
N SER C 62 -6.32 24.08 -2.63
CA SER C 62 -7.75 23.96 -2.39
C SER C 62 -8.11 22.47 -2.28
N PHE C 63 -8.91 22.11 -1.27
CA PHE C 63 -9.32 20.72 -1.02
C PHE C 63 -10.76 20.41 -1.38
N TYR C 64 -11.00 19.16 -1.78
CA TYR C 64 -12.31 18.72 -2.29
C TYR C 64 -12.62 17.38 -1.65
N LEU C 65 -13.90 17.18 -1.28
CA LEU C 65 -14.31 15.98 -0.54
C LEU C 65 -15.80 15.66 -0.71
N LEU C 66 -16.15 14.37 -0.82
CA LEU C 66 -17.55 13.97 -1.02
C LEU C 66 -18.04 12.93 0.00
N TYR C 67 -19.16 13.22 0.64
CA TYR C 67 -19.84 12.24 1.50
C TYR C 67 -21.14 11.79 0.84
N TYR C 68 -21.47 10.51 0.98
CA TYR C 68 -22.73 9.98 0.44
C TYR C 68 -23.27 8.74 1.15
N THR C 69 -24.57 8.49 0.95
CA THR C 69 -25.20 7.30 1.49
C THR C 69 -26.34 6.86 0.58
N GLU C 70 -26.55 5.55 0.47
CA GLU C 70 -27.78 5.01 -0.09
C GLU C 70 -28.93 5.40 0.82
N PHE C 71 -30.08 5.71 0.25
CA PHE C 71 -31.23 6.07 1.07
C PHE C 71 -32.53 5.95 0.31
N THR C 72 -33.61 5.84 1.05
CA THR C 72 -34.95 5.81 0.49
C THR C 72 -35.76 7.00 1.00
N PRO C 73 -36.07 7.96 0.11
CA PRO C 73 -36.82 9.16 0.49
C PRO C 73 -38.29 8.87 0.73
N THR C 74 -38.88 9.57 1.69
CA THR C 74 -40.34 9.55 1.89
C THR C 74 -40.88 10.96 2.03
N GLU C 75 -42.17 11.11 1.74
CA GLU C 75 -42.85 12.42 1.71
C GLU C 75 -42.59 13.25 2.95
N LYS C 76 -42.64 12.63 4.13
CA LYS C 76 -42.41 13.37 5.38
C LYS C 76 -40.96 13.51 5.79
N ASP C 77 -40.08 12.64 5.28
CA ASP C 77 -38.66 12.69 5.64
C ASP C 77 -37.97 13.88 5.00
N GLU C 78 -36.96 14.41 5.67
CA GLU C 78 -36.19 15.50 5.10
C GLU C 78 -34.72 15.41 5.52
N TYR C 79 -33.86 15.81 4.60
CA TYR C 79 -32.45 15.45 4.68
C TYR C 79 -31.58 16.68 4.49
N ALA C 80 -30.42 16.66 5.12
CA ALA C 80 -29.53 17.81 5.10
C ALA C 80 -28.10 17.41 5.39
N CYS C 81 -27.19 18.38 5.25
CA CYS C 81 -25.77 18.18 5.44
C CYS C 81 -25.22 19.19 6.46
N ARG C 82 -24.48 18.69 7.45
CA ARG C 82 -23.87 19.58 8.44
C ARG C 82 -22.37 19.57 8.29
N VAL C 83 -21.84 20.74 8.00
CA VAL C 83 -20.41 20.93 7.84
C VAL C 83 -19.89 21.81 8.95
N ASN C 84 -18.79 21.42 9.60
CA ASN C 84 -18.02 22.35 10.40
C ASN C 84 -16.59 22.52 9.92
N HIS C 85 -16.19 23.79 9.84
CA HIS C 85 -14.86 24.20 9.40
C HIS C 85 -14.44 25.41 10.23
N VAL C 86 -13.14 25.66 10.33
CA VAL C 86 -12.64 26.90 10.97
C VAL C 86 -13.36 28.15 10.44
N THR C 87 -13.44 28.32 9.11
CA THR C 87 -13.96 29.56 8.53
C THR C 87 -15.43 29.79 8.84
N LEU C 88 -16.08 28.78 9.42
CA LEU C 88 -17.45 28.91 9.90
C LEU C 88 -17.49 29.14 11.40
N SER C 89 -18.03 30.30 11.78
CA SER C 89 -18.52 30.54 13.13
C SER C 89 -19.22 29.30 13.68
N GLN C 90 -20.35 28.95 13.06
CA GLN C 90 -21.26 27.92 13.58
C GLN C 90 -21.41 26.84 12.53
N PRO C 91 -21.37 25.55 12.93
CA PRO C 91 -21.57 24.51 11.95
C PRO C 91 -22.71 24.87 11.01
N LYS C 92 -22.44 24.89 9.70
CA LYS C 92 -23.43 25.24 8.69
C LYS C 92 -24.24 24.03 8.22
N ILE C 93 -25.55 24.20 8.17
CA ILE C 93 -26.45 23.17 7.69
C ILE C 93 -26.90 23.60 6.29
N VAL C 94 -27.06 22.64 5.39
CA VAL C 94 -27.70 22.86 4.08
C VAL C 94 -28.72 21.78 3.79
N LYS C 95 -29.90 22.21 3.34
CA LYS C 95 -31.01 21.30 3.11
C LYS C 95 -30.77 20.62 1.80
N TRP C 96 -31.41 19.49 1.63
CA TRP C 96 -31.68 18.95 0.32
C TRP C 96 -32.99 19.50 -0.23
N ASP C 97 -32.91 20.30 -1.30
CA ASP C 97 -34.08 20.62 -2.09
C ASP C 97 -34.37 19.42 -2.99
N ARG C 98 -35.44 18.70 -2.68
CA ARG C 98 -36.01 17.66 -3.56
C ARG C 98 -36.21 18.16 -4.98
N ASP C 99 -36.97 19.24 -5.15
CA ASP C 99 -37.20 19.85 -6.48
C ASP C 99 -35.99 20.69 -6.93
N MET C 100 -34.81 20.09 -6.74
CA MET C 100 -33.54 20.47 -7.36
C MET C 100 -33.73 21.10 -8.74
N ILE D 2 5.10 -30.68 3.14
CA ILE D 2 5.70 -31.57 2.13
C ILE D 2 6.92 -30.92 1.49
N GLN D 3 8.06 -31.07 2.13
CA GLN D 3 9.26 -30.40 1.65
C GLN D 3 9.55 -30.71 0.20
N ARG D 4 10.27 -29.80 -0.43
CA ARG D 4 10.89 -30.07 -1.70
C ARG D 4 12.06 -29.16 -1.62
N THR D 5 13.12 -29.52 -2.31
CA THR D 5 14.35 -28.81 -2.10
C THR D 5 14.60 -27.96 -3.34
N PRO D 6 15.24 -26.82 -3.14
CA PRO D 6 15.40 -25.82 -4.19
C PRO D 6 16.35 -26.23 -5.32
N LYS D 7 15.94 -25.88 -6.54
CA LYS D 7 16.84 -25.84 -7.70
C LYS D 7 17.54 -24.48 -7.74
N ILE D 8 18.85 -24.51 -7.90
CA ILE D 8 19.67 -23.31 -7.78
C ILE D 8 20.45 -23.09 -9.05
N GLN D 9 20.23 -21.96 -9.71
CA GLN D 9 20.97 -21.65 -10.92
C GLN D 9 21.63 -20.29 -10.80
N VAL D 10 22.89 -20.23 -11.24
CA VAL D 10 23.68 -19.00 -11.19
C VAL D 10 24.17 -18.63 -12.59
N TYR D 11 23.88 -17.40 -13.00
CA TYR D 11 24.12 -17.00 -14.36
C TYR D 11 24.23 -15.49 -14.44
N SER D 12 25.06 -15.03 -15.36
CA SER D 12 25.21 -13.62 -15.61
C SER D 12 24.19 -13.27 -16.65
N ARG D 13 23.90 -11.99 -16.78
CA ARG D 13 22.84 -11.57 -17.66
C ARG D 13 23.32 -11.55 -19.10
N HIS D 14 24.44 -10.85 -19.32
CA HIS D 14 25.16 -10.86 -20.59
C HIS D 14 26.37 -11.74 -20.41
N PRO D 15 27.00 -12.17 -21.52
CA PRO D 15 28.19 -13.01 -21.34
C PRO D 15 29.33 -12.24 -20.73
N ALA D 16 30.23 -12.94 -20.08
CA ALA D 16 31.27 -12.29 -19.28
C ALA D 16 32.20 -11.50 -20.18
N GLU D 17 32.68 -10.36 -19.70
CA GLU D 17 33.84 -9.75 -20.30
C GLU D 17 34.50 -8.80 -19.31
N ASN D 18 35.75 -9.12 -18.98
CA ASN D 18 36.37 -8.57 -17.80
C ASN D 18 36.35 -7.04 -17.85
N GLY D 19 35.94 -6.41 -16.76
CA GLY D 19 35.82 -4.96 -16.72
C GLY D 19 34.66 -4.38 -17.51
N LYS D 20 33.66 -5.20 -17.82
CA LYS D 20 32.38 -4.67 -18.28
C LYS D 20 31.27 -5.01 -17.30
N SER D 21 30.51 -3.99 -16.92
CA SER D 21 29.49 -4.09 -15.87
C SER D 21 28.29 -4.93 -16.32
N ASN D 22 28.14 -6.08 -15.67
CA ASN D 22 27.10 -7.05 -15.95
C ASN D 22 26.14 -7.12 -14.78
N PHE D 23 25.27 -8.13 -14.78
CA PHE D 23 24.53 -8.54 -13.58
C PHE D 23 24.73 -10.00 -13.29
N LEU D 24 24.83 -10.34 -12.01
CA LEU D 24 24.89 -11.71 -11.57
C LEU D 24 23.59 -12.08 -10.93
N ASN D 25 23.01 -13.22 -11.33
CA ASN D 25 21.76 -13.72 -10.74
C ASN D 25 21.95 -15.06 -10.03
N CYS D 26 21.27 -15.23 -8.89
CA CYS D 26 21.04 -16.55 -8.31
C CYS D 26 19.55 -16.84 -8.26
N TYR D 27 19.09 -17.81 -9.06
CA TYR D 27 17.67 -18.18 -9.13
C TYR D 27 17.39 -19.47 -8.41
N VAL D 28 16.53 -19.38 -7.41
CA VAL D 28 16.21 -20.46 -6.51
C VAL D 28 14.73 -20.81 -6.71
N SER D 29 14.46 -22.04 -7.15
CA SER D 29 13.15 -22.40 -7.72
C SER D 29 12.62 -23.73 -7.16
N GLY D 30 11.31 -23.84 -7.08
CA GLY D 30 10.64 -25.14 -6.92
C GLY D 30 10.54 -25.63 -5.49
N PHE D 31 10.74 -24.76 -4.51
CA PHE D 31 11.07 -25.20 -3.16
C PHE D 31 9.96 -24.98 -2.16
N HIS D 32 10.08 -25.69 -1.04
CA HIS D 32 9.07 -25.71 0.03
C HIS D 32 9.67 -26.40 1.25
N PRO D 33 9.46 -25.86 2.45
CA PRO D 33 8.66 -24.69 2.75
C PRO D 33 9.42 -23.45 2.35
N CYS D 34 8.85 -22.31 2.68
CA CYS D 34 9.24 -21.08 2.05
C CYS D 34 10.56 -20.52 2.61
N ASP D 35 10.84 -20.68 3.90
CA ASP D 35 11.92 -19.89 4.54
C ASP D 35 13.29 -20.41 4.08
N ILE D 36 14.19 -19.46 3.81
CA ILE D 36 15.38 -19.71 3.03
C ILE D 36 16.31 -18.51 3.11
N GLU D 37 17.62 -18.74 3.13
CA GLU D 37 18.61 -17.66 3.14
C GLU D 37 19.41 -17.80 1.87
N VAL D 38 19.72 -16.66 1.25
CA VAL D 38 20.48 -16.62 0.00
C VAL D 38 21.47 -15.48 -0.01
N ASP D 39 22.70 -15.79 -0.40
CA ASP D 39 23.75 -14.81 -0.45
C ASP D 39 24.67 -15.06 -1.61
N LEU D 40 25.26 -13.99 -2.11
CA LEU D 40 26.14 -14.07 -3.25
C LEU D 40 27.52 -13.69 -2.80
N LEU D 41 28.51 -14.27 -3.46
CA LEU D 41 29.86 -14.34 -2.94
C LEU D 41 30.89 -13.92 -3.99
N LYS D 42 31.58 -12.82 -3.71
CA LYS D 42 32.82 -12.45 -4.38
C LYS D 42 34.03 -13.00 -3.63
N ASN D 43 34.67 -14.01 -4.22
CA ASN D 43 35.80 -14.70 -3.59
C ASN D 43 35.46 -15.17 -2.18
N GLY D 44 34.44 -16.03 -2.08
CA GLY D 44 33.98 -16.55 -0.79
C GLY D 44 33.41 -15.55 0.21
N GLU D 45 33.12 -14.31 -0.18
CA GLU D 45 32.73 -13.27 0.79
C GLU D 45 31.47 -12.50 0.41
N ARG D 46 30.63 -12.30 1.41
CA ARG D 46 29.20 -12.08 1.22
C ARG D 46 28.96 -10.66 0.76
N ILE D 47 28.43 -10.52 -0.46
CA ILE D 47 28.28 -9.19 -1.08
C ILE D 47 27.25 -8.36 -0.30
N GLU D 48 27.58 -7.11 -0.02
CA GLU D 48 26.72 -6.28 0.83
C GLU D 48 25.44 -5.92 0.09
N LYS D 49 25.59 -5.25 -1.04
CA LYS D 49 24.50 -4.51 -1.65
C LYS D 49 23.87 -5.32 -2.77
N VAL D 50 23.04 -6.27 -2.37
CA VAL D 50 22.28 -7.09 -3.30
C VAL D 50 20.83 -6.64 -3.29
N GLU D 51 20.13 -6.96 -4.37
CA GLU D 51 18.70 -6.77 -4.39
C GLU D 51 18.02 -8.11 -4.68
N HIS D 52 16.70 -8.16 -4.55
CA HIS D 52 15.97 -9.40 -4.71
C HIS D 52 14.54 -9.17 -5.18
N SER D 53 14.06 -10.13 -5.96
CA SER D 53 12.66 -10.16 -6.32
C SER D 53 11.85 -10.43 -5.07
N ASP D 54 10.54 -10.41 -5.21
CA ASP D 54 9.69 -10.88 -4.17
C ASP D 54 9.69 -12.39 -4.28
N LEU D 55 8.96 -13.01 -3.37
CA LEU D 55 8.89 -14.44 -3.26
C LEU D 55 7.51 -14.83 -3.73
N SER D 56 7.44 -15.55 -4.84
CA SER D 56 6.16 -15.87 -5.47
C SER D 56 5.92 -17.35 -5.31
N PHE D 57 4.67 -17.79 -5.49
CA PHE D 57 4.35 -19.19 -5.32
C PHE D 57 3.22 -19.74 -6.19
N SER D 58 3.28 -21.06 -6.39
CA SER D 58 2.34 -21.78 -7.24
C SER D 58 1.12 -22.17 -6.43
N LYS D 59 0.13 -22.69 -7.16
CA LYS D 59 -0.98 -23.42 -6.55
C LYS D 59 -0.44 -24.55 -5.67
N ASP D 60 0.66 -25.19 -6.07
CA ASP D 60 1.30 -26.26 -5.28
C ASP D 60 1.93 -25.79 -3.97
N TRP D 61 2.03 -24.47 -3.76
CA TRP D 61 2.90 -23.90 -2.74
C TRP D 61 4.36 -24.27 -2.98
N SER D 62 4.76 -24.40 -4.24
CA SER D 62 6.17 -24.28 -4.59
C SER D 62 6.51 -22.78 -4.66
N PHE D 63 7.65 -22.41 -4.07
CA PHE D 63 8.11 -21.03 -4.05
C PHE D 63 9.28 -20.73 -4.98
N TYR D 64 9.31 -19.50 -5.47
CA TYR D 64 10.32 -19.06 -6.43
C TYR D 64 10.88 -17.72 -5.93
N LEU D 65 12.17 -17.48 -6.15
CA LEU D 65 12.86 -16.29 -5.61
C LEU D 65 14.18 -15.99 -6.34
N LEU D 66 14.45 -14.71 -6.63
CA LEU D 66 15.67 -14.28 -7.35
C LEU D 66 16.49 -13.23 -6.60
N TYR D 67 17.78 -13.49 -6.47
CA TYR D 67 18.75 -12.52 -5.95
C TYR D 67 19.69 -12.07 -7.06
N TYR D 68 20.04 -10.79 -7.08
CA TYR D 68 20.97 -10.27 -8.10
C TYR D 68 21.74 -9.02 -7.67
N THR D 69 22.87 -8.77 -8.35
CA THR D 69 23.64 -7.56 -8.15
C THR D 69 24.35 -7.13 -9.43
N GLU D 70 24.47 -5.83 -9.65
CA GLU D 70 25.37 -5.31 -10.68
C GLU D 70 26.80 -5.65 -10.27
N PHE D 71 27.66 -5.97 -11.23
CA PHE D 71 29.04 -6.29 -10.93
C PHE D 71 29.90 -6.19 -12.17
N THR D 72 31.20 -5.97 -11.97
CA THR D 72 32.16 -6.03 -13.08
C THR D 72 33.11 -7.19 -12.84
N PRO D 73 33.04 -8.19 -13.72
CA PRO D 73 33.92 -9.33 -13.60
C PRO D 73 35.35 -8.93 -13.93
N THR D 74 36.31 -9.38 -13.12
CA THR D 74 37.70 -9.43 -13.53
C THR D 74 38.11 -10.90 -13.41
N GLU D 75 39.03 -11.34 -14.26
CA GLU D 75 39.41 -12.75 -14.33
C GLU D 75 40.01 -13.31 -13.05
N LYS D 76 40.71 -12.48 -12.28
CA LYS D 76 41.20 -12.94 -10.98
C LYS D 76 40.00 -13.25 -10.07
N ASP D 77 38.93 -12.46 -10.21
CA ASP D 77 37.73 -12.59 -9.36
C ASP D 77 36.88 -13.83 -9.68
N GLU D 78 36.23 -14.37 -8.65
CA GLU D 78 35.33 -15.52 -8.84
C GLU D 78 34.11 -15.46 -7.91
N TYR D 79 32.98 -15.96 -8.40
CA TYR D 79 31.69 -15.64 -7.84
C TYR D 79 30.83 -16.87 -7.67
N ALA D 80 29.99 -16.85 -6.65
CA ALA D 80 29.15 -17.99 -6.31
C ALA D 80 27.93 -17.59 -5.45
N CYS D 81 27.05 -18.55 -5.23
CA CYS D 81 25.80 -18.33 -4.53
C CYS D 81 25.69 -19.32 -3.38
N ARG D 82 25.40 -18.82 -2.19
CA ARG D 82 25.22 -19.69 -1.02
C ARG D 82 23.76 -19.69 -0.58
N VAL D 83 23.16 -20.87 -0.66
CA VAL D 83 21.81 -21.07 -0.24
C VAL D 83 21.75 -21.94 1.00
N ASN D 84 21.02 -21.50 2.01
CA ASN D 84 20.63 -22.42 3.07
C ASN D 84 19.11 -22.61 3.16
N HIS D 85 18.71 -23.88 3.27
CA HIS D 85 17.31 -24.29 3.40
C HIS D 85 17.25 -25.49 4.34
N VAL D 86 16.10 -25.72 4.96
CA VAL D 86 15.90 -26.94 5.76
C VAL D 86 16.38 -28.20 5.02
N THR D 87 15.93 -28.42 3.79
CA THR D 87 16.21 -29.68 3.08
C THR D 87 17.71 -29.87 2.79
N LEU D 88 18.49 -28.82 3.04
CA LEU D 88 19.94 -28.94 3.03
C LEU D 88 20.51 -29.01 4.45
N SER D 89 21.14 -30.14 4.75
CA SER D 89 22.10 -30.23 5.86
C SER D 89 22.98 -28.99 5.94
N GLN D 90 23.85 -28.85 4.93
CA GLN D 90 24.92 -27.86 4.96
C GLN D 90 24.63 -26.83 3.88
N PRO D 91 24.73 -25.53 4.20
CA PRO D 91 24.56 -24.49 3.19
C PRO D 91 25.24 -24.87 1.88
N LYS D 92 24.47 -24.93 0.79
CA LYS D 92 24.98 -25.34 -0.50
C LYS D 92 25.54 -24.15 -1.25
N ILE D 93 26.75 -24.32 -1.77
CA ILE D 93 27.37 -23.31 -2.59
C ILE D 93 27.31 -23.77 -4.05
N VAL D 94 27.10 -22.81 -4.95
CA VAL D 94 27.06 -23.07 -6.39
C VAL D 94 27.84 -21.99 -7.13
N LYS D 95 28.78 -22.45 -7.95
CA LYS D 95 29.77 -21.60 -8.58
C LYS D 95 29.23 -21.02 -9.85
N TRP D 96 29.60 -19.78 -10.16
CA TRP D 96 29.32 -19.24 -11.47
C TRP D 96 30.31 -19.80 -12.48
N ASP D 97 29.84 -20.71 -13.32
CA ASP D 97 30.62 -21.16 -14.46
C ASP D 97 30.41 -20.17 -15.61
N ARG D 98 31.42 -19.34 -15.84
CA ARG D 98 31.44 -18.41 -16.97
C ARG D 98 31.03 -19.05 -18.29
N ASP D 99 31.64 -20.19 -18.59
CA ASP D 99 31.28 -20.97 -19.81
C ASP D 99 30.02 -21.85 -19.60
N MET D 100 29.07 -21.36 -18.77
CA MET D 100 27.71 -21.94 -18.65
C MET D 100 27.19 -22.47 -19.99
N1 TFX E . -6.39 3.91 4.39
S1 TFX E . -4.09 2.99 5.12
C2 TFX E . -3.35 4.87 0.39
N2 TFX E . -2.77 5.31 -0.76
C3 TFX E . -2.65 4.11 1.26
C4 TFX E . -3.22 3.73 2.46
C5 TFX E . -4.51 4.09 2.76
C6 TFX E . -5.23 4.80 1.84
C7 TFX E . -4.65 5.20 0.66
C8 TFX E . -5.13 3.77 3.99
C9 TFX E . -6.59 3.40 5.63
C10 TFX E . -5.41 2.85 6.15
C11 TFX E . -5.37 2.27 7.39
C12 TFX E . -6.52 2.24 8.14
C13 TFX E . -7.69 2.78 7.64
C14 TFX E . -7.75 3.36 6.39
C15 TFX E . -3.22 6.52 -1.37
C16 TFX E . -2.15 4.39 -1.66
C17 TFX E . -7.47 4.50 3.61
C18 TFX E . -6.49 1.64 9.52
N1 TFX F . 3.30 -1.03 -1.06
S1 TFX F . 2.95 -1.10 1.55
C2 TFX F . 8.01 -0.11 1.00
N2 TFX F . 9.35 0.17 1.27
C3 TFX F . 7.66 -0.89 -0.10
C4 TFX F . 6.33 -1.14 -0.38
C5 TFX F . 5.33 -0.64 0.42
C6 TFX F . 5.67 0.12 1.54
C7 TFX F . 7.00 0.39 1.82
C8 TFX F . 3.94 -0.90 0.14
C9 TFX F . 1.95 -1.30 -0.88
C10 TFX F . 1.62 -1.37 0.51
C11 TFX F . 0.33 -1.65 0.92
C12 TFX F . -0.66 -1.84 -0.02
C13 TFX F . -0.35 -1.76 -1.37
C14 TFX F . 0.94 -1.50 -1.81
C15 TFX F . 9.71 1.18 2.25
C16 TFX F . 10.41 -0.69 0.75
C17 TFX F . 3.94 -0.86 -2.37
C18 TFX F . -2.07 -2.13 0.42
N1 TFX G . 7.61 -3.96 1.32
S1 TFX G . 5.77 -2.93 2.85
C2 TFX G . 3.05 -4.92 -1.09
N2 TFX G . 1.98 -5.24 -1.91
C3 TFX G . 2.87 -4.76 0.28
C4 TFX G . 3.92 -4.40 1.10
C5 TFX G . 5.19 -4.21 0.57
C6 TFX G . 5.38 -4.38 -0.79
C7 TFX G . 4.33 -4.74 -1.61
C8 TFX G . 6.28 -3.79 1.45
C9 TFX G . 8.31 -3.40 2.38
C10 TFX G . 7.41 -2.80 3.31
C11 TFX G . 7.88 -2.18 4.44
C12 TFX G . 9.24 -2.14 4.70
C13 TFX G . 10.12 -2.73 3.79
C14 TFX G . 9.67 -3.35 2.63
C15 TFX G . 2.09 -5.15 -3.36
C16 TFX G . 0.81 -5.91 -1.36
C17 TFX G . 8.26 -4.65 0.19
C18 TFX G . 9.75 -1.49 5.96
N1 TFX H . -2.14 1.03 2.53
S1 TFX H . -3.68 1.04 0.42
C2 TFX H . -7.00 0.22 4.29
N2 TFX H . -8.16 -0.02 4.99
C3 TFX H . -7.02 0.93 3.10
C4 TFX H . -5.85 1.14 2.39
C5 TFX H . -4.63 0.65 2.86
C6 TFX H . -4.61 -0.04 4.05
C7 TFX H . -5.78 -0.26 4.77
C8 TFX H . -3.42 0.88 2.13
C9 TFX H . -1.28 1.28 1.48
C10 TFX H . -2.00 1.31 0.24
C11 TFX H . -1.34 1.53 -0.95
C12 TFX H . 0.03 1.75 -0.96
C13 TFX H . 0.73 1.74 0.25
C14 TFX H . 0.10 1.50 1.46
C15 TFX H . -8.19 -0.99 6.08
C16 TFX H . -9.33 0.83 4.80
C17 TFX H . -1.68 0.94 3.93
C18 TFX H . 0.74 1.99 -2.26
N1 TFX I . -28.50 17.85 -10.40
S1 TFX I . -28.05 15.47 -9.48
C2 TFX I . -23.58 17.75 -8.96
N2 TFX I . -22.25 18.05 -8.71
C3 TFX I . -24.58 18.56 -8.46
C4 TFX I . -25.89 18.32 -8.77
C5 TFX I . -26.22 17.27 -9.59
C6 TFX I . -25.24 16.46 -10.10
C7 TFX I . -23.92 16.69 -9.78
C8 TFX I . -27.56 17.06 -9.88
C9 TFX I . -29.71 17.20 -10.51
C10 TFX I . -29.59 15.87 -10.03
C11 TFX I . -30.67 15.03 -10.05
C12 TFX I . -31.88 15.48 -10.53
C13 TFX I . -32.00 16.77 -10.99
C14 TFX I . -30.92 17.64 -10.99
C15 TFX I . -21.86 19.31 -8.13
C16 TFX I . -21.21 17.07 -8.88
C17 TFX I . -28.27 19.24 -10.80
C18 TFX I . -33.05 14.56 -10.55
#